data_4EYY
#
_entry.id   4EYY
#
_cell.length_a   68.948
_cell.length_b   113.411
_cell.length_c   49.465
_cell.angle_alpha   90.00
_cell.angle_beta   90.00
_cell.angle_gamma   90.00
#
_symmetry.space_group_name_H-M   'P 21 21 2'
#
loop_
_entity.id
_entity.type
_entity.pdbx_description
1 polymer IcmR
2 polymer IcmQ
3 water water
#
loop_
_entity_poly.entity_id
_entity_poly.type
_entity_poly.pdbx_seq_one_letter_code
_entity_poly.pdbx_strand_id
1 'polypeptide(L)'
;MGNNTDDSARNPFGFYTPPRVKEIGEPDVTDATLGSVYSEIISPVKDCILTVAKAVSFNPGGKDNTDAVEVLTELNTKVE
RAALNQPILTTKTERMFGAAESEKSSEPPSHDERGFKLSS
;
R
2 'polypeptide(L)'
;MKDQLSDEQKETILKALNDAIEKGPWDKSNFLRVIGKKLIAIRDRFLKRIGAASQAQLQAESHLANQIALQSGQQEIYVS
LYSSDGSNLQSWEKIVGSLPRQMISRPIYADEEDIKAILKTKENKQNEAYVAIYISQSDILHLSADKAPVDKLGKPLLTL
KDKSISLENISRFVHVSGVYRYSNGRLIKNA
;
Q
#
# COMPACT_ATOMS: atom_id res chain seq x y z
N ASP A 28 -7.13 -2.00 0.26
CA ASP A 28 -7.28 -0.99 -0.79
C ASP A 28 -6.80 -1.50 -2.15
N VAL A 29 -5.49 -1.45 -2.40
CA VAL A 29 -4.95 -1.78 -3.72
C VAL A 29 -4.32 -3.18 -3.77
N THR A 30 -4.62 -3.93 -4.82
CA THR A 30 -4.03 -5.24 -5.05
C THR A 30 -3.22 -5.26 -6.34
N ASP A 31 -2.47 -6.34 -6.53
CA ASP A 31 -1.62 -6.43 -7.71
C ASP A 31 -2.38 -6.26 -9.03
N ALA A 32 -1.64 -6.00 -10.10
CA ALA A 32 -2.23 -6.03 -11.42
C ALA A 32 -2.40 -7.47 -11.88
N THR A 33 -3.57 -7.76 -12.46
CA THR A 33 -3.84 -9.03 -13.08
C THR A 33 -4.20 -8.86 -14.56
N LEU A 34 -4.36 -9.99 -15.24
CA LEU A 34 -4.89 -9.98 -16.60
C LEU A 34 -6.20 -9.18 -16.66
N GLY A 35 -7.03 -9.34 -15.63
CA GLY A 35 -8.31 -8.65 -15.57
C GLY A 35 -8.16 -7.15 -15.37
N SER A 36 -7.26 -6.75 -14.48
CA SER A 36 -7.04 -5.32 -14.28
C SER A 36 -6.37 -4.67 -15.49
N VAL A 37 -5.54 -5.43 -16.20
CA VAL A 37 -4.88 -4.94 -17.40
C VAL A 37 -5.93 -4.65 -18.48
N TYR A 38 -6.89 -5.54 -18.63
CA TYR A 38 -7.93 -5.34 -19.60
C TYR A 38 -8.88 -4.24 -19.21
N SER A 39 -9.09 -4.08 -17.92
CA SER A 39 -10.11 -3.19 -17.42
C SER A 39 -9.56 -1.76 -17.30
N GLU A 40 -8.27 -1.64 -17.02
CA GLU A 40 -7.71 -0.36 -16.60
C GLU A 40 -6.65 0.15 -17.55
N ILE A 41 -6.31 -0.67 -18.55
CA ILE A 41 -5.43 -0.20 -19.62
C ILE A 41 -6.09 -0.40 -20.96
N ILE A 42 -6.46 -1.63 -21.27
CA ILE A 42 -6.89 -1.95 -22.62
C ILE A 42 -8.25 -1.34 -22.99
N SER A 43 -9.21 -1.41 -22.07
CA SER A 43 -10.51 -0.84 -22.31
C SER A 43 -10.49 0.71 -22.42
N PRO A 44 -9.88 1.42 -21.44
CA PRO A 44 -9.81 2.88 -21.61
C PRO A 44 -9.11 3.27 -22.90
N VAL A 45 -8.02 2.59 -23.22
CA VAL A 45 -7.29 2.91 -24.45
C VAL A 45 -8.13 2.65 -25.70
N LYS A 46 -8.92 1.58 -25.70
CA LYS A 46 -9.87 1.38 -26.81
C LYS A 46 -10.92 2.49 -26.87
N ASP A 47 -11.54 2.84 -25.75
CA ASP A 47 -12.45 3.99 -25.71
C ASP A 47 -11.78 5.22 -26.29
N CYS A 48 -10.52 5.43 -25.91
CA CYS A 48 -9.76 6.58 -26.40
C CYS A 48 -9.61 6.56 -27.92
N ILE A 49 -9.24 5.41 -28.47
CA ILE A 49 -9.14 5.22 -29.91
C ILE A 49 -10.45 5.63 -30.58
N LEU A 50 -11.58 5.16 -30.05
CA LEU A 50 -12.88 5.56 -30.58
C LEU A 50 -12.98 7.08 -30.65
N THR A 51 -12.48 7.76 -29.63
CA THR A 51 -12.65 9.20 -29.55
C THR A 51 -11.73 9.93 -30.51
N VAL A 52 -10.49 9.48 -30.60
CA VAL A 52 -9.57 10.10 -31.55
C VAL A 52 -10.03 9.85 -33.00
N ALA A 53 -10.71 8.74 -33.23
CA ALA A 53 -11.24 8.42 -34.55
C ALA A 53 -12.32 9.43 -34.94
N LYS A 54 -13.08 9.91 -33.96
CA LYS A 54 -14.06 10.93 -34.24
C LYS A 54 -13.35 12.22 -34.62
N ALA A 55 -12.36 12.61 -33.82
CA ALA A 55 -11.60 13.82 -34.08
C ALA A 55 -10.89 13.73 -35.42
N VAL A 56 -10.73 12.50 -35.92
CA VAL A 56 -10.09 12.27 -37.21
C VAL A 56 -11.08 12.43 -38.35
N SER A 57 -12.32 12.02 -38.11
CA SER A 57 -13.37 12.12 -39.11
C SER A 57 -13.79 13.58 -39.34
N PHE A 58 -13.24 14.52 -38.57
CA PHE A 58 -13.55 15.92 -38.80
C PHE A 58 -12.59 16.47 -39.83
N ASN A 59 -11.37 15.96 -39.81
CA ASN A 59 -10.33 16.38 -40.73
C ASN A 59 -9.48 15.17 -41.10
N PRO A 60 -10.03 14.27 -41.91
CA PRO A 60 -9.21 13.09 -42.22
C PRO A 60 -7.85 13.57 -42.69
N GLY A 61 -6.81 12.82 -42.37
CA GLY A 61 -5.48 13.19 -42.81
C GLY A 61 -4.77 14.20 -41.94
N GLY A 62 -5.46 14.75 -40.94
CA GLY A 62 -4.76 15.53 -39.92
C GLY A 62 -3.71 14.58 -39.35
N LYS A 63 -2.44 14.90 -39.55
CA LYS A 63 -1.35 13.98 -39.21
C LYS A 63 -1.29 13.63 -37.72
N ASP A 64 -1.32 14.65 -36.88
CA ASP A 64 -1.22 14.45 -35.44
C ASP A 64 -2.25 13.47 -34.89
N ASN A 65 -3.51 13.67 -35.24
CA ASN A 65 -4.55 12.79 -34.76
C ASN A 65 -4.37 11.37 -35.27
N THR A 66 -4.04 11.23 -36.56
CA THR A 66 -3.79 9.93 -37.17
C THR A 66 -2.61 9.24 -36.49
N ASP A 67 -1.55 10.02 -36.23
CA ASP A 67 -0.43 9.51 -35.47
C ASP A 67 -0.91 8.97 -34.12
N ALA A 68 -1.77 9.73 -33.44
CA ALA A 68 -2.23 9.32 -32.13
C ALA A 68 -2.97 7.98 -32.20
N VAL A 69 -3.81 7.79 -33.20
CA VAL A 69 -4.48 6.51 -33.38
C VAL A 69 -3.49 5.35 -33.57
N GLU A 70 -2.35 5.65 -34.18
CA GLU A 70 -1.35 4.62 -34.46
C GLU A 70 -0.60 4.26 -33.18
N VAL A 71 -0.36 5.25 -32.35
CA VAL A 71 0.35 5.02 -31.12
C VAL A 71 -0.54 4.31 -30.11
N LEU A 72 -1.79 4.74 -29.99
CA LEU A 72 -2.74 4.06 -29.11
C LEU A 72 -2.90 2.60 -29.55
N THR A 73 -3.03 2.37 -30.85
CA THR A 73 -3.32 1.04 -31.39
C THR A 73 -2.16 0.09 -31.15
N GLU A 74 -0.94 0.58 -31.37
CA GLU A 74 0.28 -0.17 -31.07
C GLU A 74 0.35 -0.48 -29.58
N LEU A 75 0.16 0.55 -28.76
CA LEU A 75 0.18 0.38 -27.32
C LEU A 75 -0.69 -0.81 -26.90
N ASN A 76 -1.89 -0.89 -27.46
CA ASN A 76 -2.82 -1.89 -27.00
C ASN A 76 -2.44 -3.28 -27.47
N THR A 77 -1.96 -3.40 -28.71
CA THR A 77 -1.62 -4.73 -29.19
C THR A 77 -0.40 -5.25 -28.44
N LYS A 78 0.49 -4.36 -28.03
CA LYS A 78 1.63 -4.79 -27.25
C LYS A 78 1.18 -5.24 -25.86
N VAL A 79 0.27 -4.50 -25.27
CA VAL A 79 -0.18 -4.79 -23.92
C VAL A 79 -1.07 -6.02 -23.92
N GLU A 80 -1.88 -6.17 -24.95
CA GLU A 80 -2.74 -7.33 -25.01
C GLU A 80 -1.89 -8.60 -25.23
N ARG A 81 -0.87 -8.52 -26.07
CA ARG A 81 0.08 -9.60 -26.27
C ARG A 81 0.68 -9.98 -24.94
N ALA A 82 1.11 -8.98 -24.20
CA ALA A 82 1.75 -9.21 -22.92
C ALA A 82 0.80 -9.87 -21.92
N ALA A 83 -0.47 -9.49 -21.98
CA ALA A 83 -1.45 -9.97 -21.00
C ALA A 83 -1.78 -11.44 -21.23
N LEU A 84 -1.90 -11.80 -22.50
CA LEU A 84 -2.22 -13.15 -22.91
C LEU A 84 -0.96 -13.97 -23.05
N ASN A 85 0.16 -13.38 -22.66
CA ASN A 85 1.45 -14.07 -22.63
C ASN A 85 1.84 -14.74 -23.94
N GLN A 86 1.71 -13.99 -25.04
CA GLN A 86 1.98 -14.52 -26.38
C GLN A 86 3.45 -14.37 -26.78
N MET B 1 -4.27 -17.06 -20.56
CA MET B 1 -5.50 -16.72 -19.84
C MET B 1 -5.45 -17.16 -18.35
N LYS B 2 -4.24 -17.20 -17.78
CA LYS B 2 -4.14 -17.20 -16.33
C LYS B 2 -4.17 -15.75 -15.85
N ASP B 3 -4.68 -15.53 -14.64
CA ASP B 3 -4.93 -14.18 -14.18
C ASP B 3 -3.67 -13.56 -13.58
N GLN B 4 -2.79 -14.38 -12.99
CA GLN B 4 -1.59 -13.86 -12.34
C GLN B 4 -0.56 -13.40 -13.38
N LEU B 5 0.10 -12.28 -13.11
CA LEU B 5 1.06 -11.69 -14.06
C LEU B 5 2.48 -11.84 -13.60
N SER B 6 3.35 -12.26 -14.49
CA SER B 6 4.75 -12.43 -14.12
C SER B 6 5.47 -11.10 -14.20
N ASP B 7 6.63 -11.03 -13.58
CA ASP B 7 7.46 -9.84 -13.62
C ASP B 7 7.71 -9.42 -15.06
N GLU B 8 8.02 -10.38 -15.90
CA GLU B 8 8.36 -10.07 -17.29
C GLU B 8 7.17 -9.45 -18.06
N GLN B 9 5.97 -9.98 -17.82
CA GLN B 9 4.75 -9.40 -18.37
C GLN B 9 4.54 -7.97 -17.86
N LYS B 10 4.78 -7.76 -16.57
CA LYS B 10 4.56 -6.47 -15.97
C LYS B 10 5.55 -5.49 -16.57
N GLU B 11 6.76 -5.97 -16.85
CA GLU B 11 7.79 -5.16 -17.45
C GLU B 11 7.44 -4.79 -18.89
N THR B 12 6.93 -5.75 -19.64
CA THR B 12 6.60 -5.52 -21.03
C THR B 12 5.50 -4.49 -21.16
N ILE B 13 4.53 -4.56 -20.26
CA ILE B 13 3.43 -3.63 -20.25
C ILE B 13 3.92 -2.23 -19.89
N LEU B 14 4.70 -2.12 -18.81
CA LEU B 14 5.29 -0.84 -18.46
C LEU B 14 6.05 -0.20 -19.64
N LYS B 15 6.91 -0.99 -20.31
CA LYS B 15 7.62 -0.50 -21.49
C LYS B 15 6.67 0.03 -22.56
N ALA B 16 5.62 -0.71 -22.85
CA ALA B 16 4.67 -0.28 -23.87
C ALA B 16 4.14 1.08 -23.47
N LEU B 17 3.80 1.21 -22.20
CA LEU B 17 3.24 2.47 -21.69
C LEU B 17 4.27 3.61 -21.77
N ASN B 18 5.50 3.38 -21.33
CA ASN B 18 6.54 4.40 -21.44
C ASN B 18 6.73 4.85 -22.88
N ASP B 19 6.84 3.88 -23.78
CA ASP B 19 7.12 4.15 -25.17
C ASP B 19 5.98 4.96 -25.77
N ALA B 20 4.75 4.56 -25.49
CA ALA B 20 3.57 5.26 -26.03
C ALA B 20 3.52 6.71 -25.54
N ILE B 21 3.79 6.91 -24.26
CA ILE B 21 3.79 8.23 -23.66
C ILE B 21 4.94 9.10 -24.18
N GLU B 22 6.12 8.50 -24.38
CA GLU B 22 7.31 9.21 -24.80
C GLU B 22 7.29 9.61 -26.28
N LYS B 23 6.55 8.89 -27.11
CA LYS B 23 6.63 9.17 -28.54
C LYS B 23 5.33 9.71 -29.16
N GLY B 24 4.23 9.64 -28.42
CA GLY B 24 2.97 10.15 -28.93
C GLY B 24 2.99 11.66 -29.11
N PRO B 25 2.08 12.17 -29.97
CA PRO B 25 1.96 13.61 -30.26
C PRO B 25 1.20 14.37 -29.15
N TRP B 26 1.52 14.09 -27.90
CA TRP B 26 0.65 14.54 -26.81
C TRP B 26 0.84 16.01 -26.48
N ASP B 27 1.78 16.65 -27.17
CA ASP B 27 2.06 18.08 -26.96
C ASP B 27 1.82 18.85 -28.25
N LYS B 28 0.92 18.35 -29.09
CA LYS B 28 0.73 18.97 -30.39
C LYS B 28 -0.63 19.66 -30.44
N SER B 29 -1.40 19.52 -29.37
CA SER B 29 -2.80 19.90 -29.47
C SER B 29 -3.45 19.84 -28.07
N ASN B 30 -4.54 20.56 -27.89
CA ASN B 30 -5.22 20.55 -26.61
C ASN B 30 -5.84 19.19 -26.34
N PHE B 31 -6.44 18.64 -27.40
CA PHE B 31 -7.06 17.35 -27.39
C PHE B 31 -5.98 16.29 -27.08
N LEU B 32 -4.89 16.33 -27.83
CA LEU B 32 -3.83 15.37 -27.66
C LEU B 32 -3.16 15.45 -26.28
N ARG B 33 -2.96 16.66 -25.79
CA ARG B 33 -2.34 16.89 -24.48
C ARG B 33 -3.17 16.29 -23.35
N VAL B 34 -4.49 16.35 -23.50
CA VAL B 34 -5.39 15.81 -22.53
C VAL B 34 -5.30 14.28 -22.56
N ILE B 35 -5.15 13.72 -23.76
CA ILE B 35 -4.97 12.30 -23.96
C ILE B 35 -3.63 11.84 -23.37
N GLY B 36 -2.61 12.68 -23.50
CA GLY B 36 -1.32 12.46 -22.87
C GLY B 36 -1.44 12.31 -21.37
N LYS B 37 -2.19 13.20 -20.74
CA LYS B 37 -2.37 13.08 -19.30
C LYS B 37 -3.12 11.80 -18.92
N LYS B 38 -4.10 11.41 -19.74
CA LYS B 38 -4.90 10.23 -19.45
C LYS B 38 -3.95 9.03 -19.38
N LEU B 39 -3.09 8.92 -20.39
CA LEU B 39 -2.08 7.88 -20.46
C LEU B 39 -1.19 7.85 -19.23
N ILE B 40 -0.72 9.01 -18.79
CA ILE B 40 0.18 9.08 -17.64
C ILE B 40 -0.55 8.58 -16.41
N ALA B 41 -1.84 8.90 -16.35
CA ALA B 41 -2.69 8.44 -15.28
C ALA B 41 -2.93 6.92 -15.39
N ILE B 42 -3.01 6.40 -16.61
CA ILE B 42 -3.20 4.96 -16.79
C ILE B 42 -1.93 4.24 -16.33
N ARG B 43 -0.78 4.75 -16.75
CA ARG B 43 0.49 4.13 -16.37
C ARG B 43 0.65 4.25 -14.88
N ASP B 44 0.10 5.31 -14.31
CA ASP B 44 0.20 5.55 -12.88
C ASP B 44 -0.59 4.55 -12.04
N ARG B 45 -1.86 4.39 -12.39
CA ARG B 45 -2.75 3.37 -11.85
C ARG B 45 -2.03 2.03 -11.79
N PHE B 46 -1.45 1.65 -12.92
CA PHE B 46 -0.82 0.36 -13.08
C PHE B 46 0.39 0.21 -12.15
N LEU B 47 1.19 1.26 -12.03
CA LEU B 47 2.36 1.21 -11.15
C LEU B 47 1.93 1.21 -9.69
N LYS B 48 0.75 1.76 -9.43
CA LYS B 48 0.23 1.73 -8.08
C LYS B 48 -0.19 0.29 -7.73
N ARG B 49 -0.82 -0.40 -8.69
CA ARG B 49 -1.16 -1.80 -8.49
C ARG B 49 0.09 -2.68 -8.22
N ILE B 50 1.04 -2.72 -9.16
CA ILE B 50 2.20 -3.56 -8.96
C ILE B 50 3.03 -3.11 -7.73
N GLY B 51 3.07 -1.81 -7.48
CA GLY B 51 3.78 -1.31 -6.33
C GLY B 51 3.18 -1.87 -5.05
N ALA B 52 1.89 -2.19 -5.10
CA ALA B 52 1.18 -2.59 -3.91
C ALA B 52 1.16 -4.11 -3.71
N ALA B 53 1.73 -4.85 -4.66
CA ALA B 53 1.65 -6.32 -4.63
C ALA B 53 2.02 -6.86 -3.26
N SER B 54 3.22 -6.51 -2.83
CA SER B 54 3.78 -7.06 -1.62
C SER B 54 2.98 -6.71 -0.35
N GLN B 55 2.53 -5.48 -0.21
CA GLN B 55 1.70 -5.14 0.94
C GLN B 55 0.36 -5.90 0.93
N ALA B 56 -0.19 -6.10 -0.26
CA ALA B 56 -1.45 -6.82 -0.41
C ALA B 56 -1.27 -8.25 0.06
N GLN B 57 -0.13 -8.83 -0.31
CA GLN B 57 0.16 -10.20 0.08
C GLN B 57 0.27 -10.30 1.59
N LEU B 58 1.09 -9.43 2.19
CA LEU B 58 1.22 -9.40 3.62
C LEU B 58 -0.12 -9.18 4.32
N GLN B 59 -1.02 -8.46 3.69
CA GLN B 59 -2.35 -8.32 4.27
C GLN B 59 -3.16 -9.61 4.21
N ALA B 60 -3.11 -10.29 3.06
CA ALA B 60 -3.86 -11.53 2.88
C ALA B 60 -3.34 -12.64 3.77
N GLU B 61 -2.08 -12.50 4.20
CA GLU B 61 -1.41 -13.50 5.03
C GLU B 61 -1.63 -13.24 6.50
N SER B 62 -1.93 -11.98 6.85
CA SER B 62 -1.97 -11.60 8.27
C SER B 62 -3.07 -12.35 9.03
N HIS B 63 -4.14 -12.72 8.33
CA HIS B 63 -5.15 -13.56 8.94
C HIS B 63 -4.53 -14.91 9.29
N LEU B 64 -3.83 -15.51 8.34
CA LEU B 64 -3.18 -16.79 8.57
C LEU B 64 -2.18 -16.70 9.72
N ALA B 65 -1.32 -15.68 9.67
CA ALA B 65 -0.35 -15.50 10.74
C ALA B 65 -1.04 -15.41 12.09
N ASN B 66 -2.28 -14.96 12.10
CA ASN B 66 -2.95 -14.76 13.36
C ASN B 66 -3.46 -16.07 13.92
N GLN B 67 -4.04 -16.89 13.06
CA GLN B 67 -4.61 -18.15 13.51
C GLN B 67 -3.50 -19.12 13.94
N ILE B 68 -2.34 -19.03 13.30
CA ILE B 68 -1.17 -19.79 13.69
C ILE B 68 -0.68 -19.36 15.06
N ALA B 69 -0.66 -18.05 15.28
CA ALA B 69 -0.19 -17.45 16.52
C ALA B 69 -0.93 -17.96 17.75
N LEU B 70 -2.26 -17.97 17.67
CA LEU B 70 -3.09 -18.42 18.78
C LEU B 70 -2.71 -19.82 19.20
N GLN B 71 -2.51 -20.69 18.22
CA GLN B 71 -2.30 -22.11 18.49
C GLN B 71 -0.84 -22.52 18.64
N SER B 72 0.05 -21.54 18.81
CA SER B 72 1.47 -21.81 19.06
C SER B 72 1.98 -20.96 20.24
N GLY B 73 1.04 -20.42 21.00
CA GLY B 73 1.37 -19.66 22.20
C GLY B 73 1.98 -18.31 21.88
N GLN B 74 1.41 -17.64 20.89
CA GLN B 74 1.84 -16.29 20.51
C GLN B 74 0.63 -15.37 20.35
N GLN B 75 0.84 -14.08 20.55
CA GLN B 75 -0.23 -13.13 20.24
C GLN B 75 0.29 -11.76 19.78
N GLU B 76 -0.57 -11.06 19.05
CA GLU B 76 -0.27 -9.71 18.59
C GLU B 76 -0.60 -8.72 19.68
N ILE B 77 0.41 -7.93 20.04
CA ILE B 77 0.29 -6.94 21.10
C ILE B 77 0.41 -5.52 20.53
N TYR B 78 -0.13 -4.54 21.25
CA TYR B 78 -0.18 -3.17 20.75
C TYR B 78 0.47 -2.20 21.70
N VAL B 79 1.52 -1.53 21.23
CA VAL B 79 2.27 -0.61 22.09
C VAL B 79 2.09 0.86 21.68
N SER B 80 1.52 1.64 22.60
CA SER B 80 1.32 3.08 22.40
C SER B 80 2.66 3.81 22.50
N LEU B 81 2.90 4.68 21.53
CA LEU B 81 4.15 5.44 21.47
C LEU B 81 3.90 6.96 21.40
N TYR B 82 4.85 7.74 21.94
CA TYR B 82 4.77 9.19 21.88
C TYR B 82 6.08 9.81 21.39
N SER B 83 5.97 10.83 20.54
CA SER B 83 7.13 11.56 20.05
C SER B 83 6.97 13.05 20.33
N SER B 84 8.09 13.77 20.41
CA SER B 84 8.03 15.23 20.57
C SER B 84 7.94 15.88 19.19
N ASP B 85 8.52 15.21 18.19
CA ASP B 85 8.41 15.64 16.80
C ASP B 85 7.60 14.62 16.00
N GLY B 86 6.27 14.63 16.19
CA GLY B 86 5.40 13.63 15.61
C GLY B 86 5.06 13.84 14.15
N SER B 87 5.43 15.00 13.62
CA SER B 87 5.20 15.31 12.22
C SER B 87 6.32 14.71 11.36
N ASN B 88 7.52 14.68 11.93
CA ASN B 88 8.67 14.10 11.25
C ASN B 88 8.54 12.59 11.14
N LEU B 89 8.09 12.12 9.99
CA LEU B 89 7.92 10.69 9.72
C LEU B 89 9.23 9.90 9.86
N GLN B 90 10.28 10.58 10.31
CA GLN B 90 11.62 10.00 10.38
C GLN B 90 12.08 9.91 11.83
N SER B 91 11.47 10.72 12.70
CA SER B 91 11.82 10.74 14.10
C SER B 91 11.12 9.60 14.83
N TRP B 92 10.13 9.01 14.17
CA TRP B 92 9.46 7.83 14.70
C TRP B 92 10.38 6.62 14.63
N GLU B 93 10.99 6.41 13.45
CA GLU B 93 11.89 5.29 13.22
C GLU B 93 12.93 5.12 14.32
N LYS B 94 13.44 6.23 14.84
CA LYS B 94 14.53 6.18 15.83
C LYS B 94 14.01 5.83 17.22
N ILE B 95 12.70 5.96 17.40
CA ILE B 95 12.09 5.60 18.68
C ILE B 95 11.74 4.12 18.73
N VAL B 96 11.25 3.60 17.61
CA VAL B 96 10.95 2.18 17.51
C VAL B 96 12.20 1.35 17.74
N GLY B 97 13.35 1.91 17.44
CA GLY B 97 14.61 1.21 17.62
C GLY B 97 15.02 1.09 19.07
N SER B 98 14.44 1.93 19.92
CA SER B 98 14.78 1.95 21.33
C SER B 98 13.71 1.30 22.21
N LEU B 99 12.92 0.40 21.62
CA LEU B 99 11.85 -0.29 22.34
C LEU B 99 12.34 -1.18 23.48
N PRO B 100 13.12 -2.24 23.15
CA PRO B 100 13.56 -3.27 24.08
C PRO B 100 13.47 -2.87 25.55
N ILE B 104 8.71 -0.87 27.49
CA ILE B 104 9.14 -0.63 28.87
C ILE B 104 8.08 0.12 29.67
N SER B 105 8.07 1.45 29.54
CA SER B 105 7.16 2.31 30.30
C SER B 105 5.92 2.70 29.49
N ARG B 106 5.96 2.46 28.18
CA ARG B 106 4.81 2.73 27.34
C ARG B 106 3.67 1.77 27.68
N PRO B 107 2.41 2.20 27.42
CA PRO B 107 1.24 1.35 27.68
C PRO B 107 1.03 0.28 26.61
N ILE B 108 0.74 -0.94 27.06
CA ILE B 108 0.59 -2.10 26.20
C ILE B 108 -0.83 -2.66 26.31
N TYR B 109 -1.46 -2.90 25.17
CA TYR B 109 -2.84 -3.32 25.10
C TYR B 109 -2.95 -4.66 24.39
N ALA B 110 -3.90 -5.48 24.82
CA ALA B 110 -4.14 -6.76 24.16
C ALA B 110 -5.14 -6.59 23.03
N ASP B 111 -6.06 -5.64 23.20
CA ASP B 111 -7.11 -5.41 22.21
C ASP B 111 -6.80 -4.12 21.44
N GLU B 112 -6.79 -4.21 20.11
CA GLU B 112 -6.41 -3.06 19.29
C GLU B 112 -7.47 -1.98 19.39
N GLU B 113 -8.72 -2.39 19.56
CA GLU B 113 -9.81 -1.44 19.68
C GLU B 113 -9.56 -0.48 20.85
N ASP B 114 -8.87 -0.93 21.88
CA ASP B 114 -8.66 -0.11 23.06
C ASP B 114 -7.55 0.92 22.88
N ILE B 115 -6.52 0.59 22.12
CA ILE B 115 -5.39 1.49 22.00
C ILE B 115 -5.71 2.60 21.00
N LYS B 116 -6.61 2.30 20.07
CA LYS B 116 -7.00 3.28 19.08
C LYS B 116 -8.01 4.24 19.72
N ALA B 117 -8.81 3.68 20.63
CA ALA B 117 -9.74 4.49 21.41
C ALA B 117 -8.96 5.50 22.25
N ILE B 118 -7.89 5.05 22.89
CA ILE B 118 -7.08 5.93 23.73
C ILE B 118 -6.43 7.03 22.88
N LEU B 119 -6.00 6.67 21.66
CA LEU B 119 -5.40 7.65 20.76
C LEU B 119 -6.39 8.74 20.37
N LYS B 120 -7.63 8.33 20.14
CA LYS B 120 -8.71 9.25 19.84
C LYS B 120 -8.82 10.39 20.85
N THR B 121 -8.55 10.11 22.12
CA THR B 121 -8.69 11.12 23.17
C THR B 121 -7.55 12.13 23.17
N LYS B 122 -6.38 11.73 22.67
CA LYS B 122 -5.22 12.62 22.69
C LYS B 122 -5.46 13.94 21.95
N GLU B 123 -4.82 14.99 22.45
CA GLU B 123 -5.05 16.34 21.93
C GLU B 123 -4.25 16.56 20.66
N ASN B 124 -2.94 16.27 20.72
CA ASN B 124 -2.10 16.50 19.57
C ASN B 124 -2.52 15.65 18.39
N LYS B 125 -2.54 14.33 18.59
CA LYS B 125 -3.00 13.39 17.56
C LYS B 125 -1.99 13.19 16.44
N GLN B 126 -0.97 14.04 16.43
CA GLN B 126 0.10 13.97 15.45
C GLN B 126 1.31 13.40 16.19
N ASN B 127 1.31 13.53 17.51
CA ASN B 127 2.42 13.03 18.33
C ASN B 127 2.23 11.61 18.88
N GLU B 128 1.15 10.95 18.46
CA GLU B 128 0.80 9.63 18.95
C GLU B 128 0.87 8.60 17.83
N ALA B 129 1.42 7.43 18.14
CA ALA B 129 1.41 6.29 17.22
C ALA B 129 1.36 4.99 17.99
N TYR B 130 1.35 3.87 17.28
CA TYR B 130 1.52 2.58 17.93
C TYR B 130 1.99 1.50 16.97
N VAL B 131 2.57 0.46 17.54
CA VAL B 131 3.04 -0.66 16.76
C VAL B 131 2.33 -1.95 17.18
N ALA B 132 1.93 -2.75 16.20
CA ALA B 132 1.51 -4.11 16.50
C ALA B 132 2.78 -4.94 16.62
N ILE B 133 2.82 -5.88 17.56
CA ILE B 133 3.99 -6.72 17.76
C ILE B 133 3.58 -8.14 18.14
N TYR B 134 4.22 -9.12 17.53
CA TYR B 134 3.98 -10.51 17.88
C TYR B 134 4.75 -10.90 19.12
N ILE B 135 4.03 -11.45 20.10
CA ILE B 135 4.58 -11.73 21.40
C ILE B 135 4.49 -13.22 21.72
N SER B 136 5.23 -13.63 22.75
CA SER B 136 5.32 -15.04 23.09
C SER B 136 4.21 -15.55 24.00
N GLN B 137 3.41 -14.65 24.56
CA GLN B 137 2.28 -15.06 25.38
C GLN B 137 2.62 -15.95 26.58
N SER B 138 3.91 -16.10 26.85
CA SER B 138 4.38 -16.76 28.07
C SER B 138 5.09 -15.55 28.64
N ASP B 139 5.33 -14.58 27.76
CA ASP B 139 6.04 -13.34 28.11
C ASP B 139 5.16 -12.37 28.92
N ILE B 140 3.86 -12.62 28.90
CA ILE B 140 2.90 -11.76 29.59
C ILE B 140 2.71 -12.11 31.06
N LEU B 141 2.97 -11.14 31.92
CA LEU B 141 2.71 -11.28 33.35
C LEU B 141 1.24 -11.05 33.64
N HIS B 142 0.48 -12.13 33.77
CA HIS B 142 -0.96 -12.00 33.86
C HIS B 142 -1.44 -11.56 35.23
N LEU B 143 -1.89 -10.32 35.31
CA LEU B 143 -2.51 -9.81 36.52
C LEU B 143 -4.01 -10.07 36.49
N SER B 144 -4.59 -10.40 37.64
CA SER B 144 -6.04 -10.46 37.75
C SER B 144 -6.62 -9.11 37.35
N ALA B 145 -7.92 -9.06 37.10
CA ALA B 145 -8.57 -7.78 36.81
C ALA B 145 -8.60 -6.89 38.07
N ASP B 146 -8.48 -7.51 39.24
CA ASP B 146 -8.41 -6.76 40.49
C ASP B 146 -7.06 -6.05 40.65
N LYS B 147 -6.08 -6.41 39.83
CA LYS B 147 -4.73 -5.90 40.02
C LYS B 147 -4.22 -5.13 38.81
N ALA B 148 -4.87 -5.33 37.66
CA ALA B 148 -4.29 -4.91 36.40
C ALA B 148 -4.44 -3.41 36.22
N PRO B 149 -3.34 -2.75 35.83
CA PRO B 149 -3.38 -1.29 35.65
C PRO B 149 -4.41 -1.00 34.57
N VAL B 150 -4.93 0.22 34.59
CA VAL B 150 -5.98 0.58 33.67
C VAL B 150 -5.59 1.91 33.03
N ASP B 151 -6.12 2.21 31.85
CA ASP B 151 -5.80 3.49 31.18
C ASP B 151 -6.79 4.59 31.57
N LYS B 152 -6.80 5.71 30.85
CA LYS B 152 -7.64 6.86 31.24
C LYS B 152 -9.09 6.58 30.95
N LEU B 153 -9.34 5.55 30.15
CA LEU B 153 -10.66 4.93 30.12
C LEU B 153 -10.46 3.73 31.04
N GLY B 154 -11.51 3.04 31.43
CA GLY B 154 -11.28 2.01 32.44
C GLY B 154 -10.80 0.69 31.87
N LYS B 155 -9.84 0.74 30.95
CA LYS B 155 -9.46 -0.42 30.15
C LYS B 155 -8.13 -1.01 30.59
N PRO B 156 -8.11 -2.33 30.84
CA PRO B 156 -6.89 -2.94 31.37
C PRO B 156 -5.71 -2.87 30.40
N LEU B 157 -4.53 -2.67 30.97
CA LEU B 157 -3.29 -2.74 30.22
C LEU B 157 -2.55 -4.04 30.52
N LEU B 158 -1.63 -4.41 29.65
CA LEU B 158 -0.83 -5.62 29.82
C LEU B 158 0.51 -5.24 30.39
N THR B 159 1.07 -6.14 31.18
CA THR B 159 2.40 -5.97 31.75
C THR B 159 3.26 -7.14 31.27
N LEU B 160 4.53 -6.88 30.97
CA LEU B 160 5.38 -7.90 30.37
C LEU B 160 6.54 -8.29 31.27
N LYS B 161 6.81 -9.60 31.32
CA LYS B 161 7.94 -10.14 32.06
C LYS B 161 9.27 -9.51 31.64
N ASP B 162 10.29 -9.74 32.45
CA ASP B 162 11.56 -9.03 32.31
C ASP B 162 12.43 -9.41 31.11
N LYS B 163 13.16 -8.41 30.61
CA LYS B 163 14.23 -8.58 29.63
C LYS B 163 13.98 -9.65 28.57
N SER B 164 12.85 -9.51 27.89
CA SER B 164 12.60 -10.27 26.69
C SER B 164 11.74 -9.33 25.87
N ILE B 165 10.93 -9.86 24.97
CA ILE B 165 10.01 -9.04 24.18
C ILE B 165 10.66 -7.88 23.40
N SER B 166 11.94 -8.04 23.10
CA SER B 166 12.65 -7.17 22.17
C SER B 166 12.41 -7.77 20.78
N LEU B 167 11.14 -7.90 20.43
CA LEU B 167 10.74 -8.74 19.32
C LEU B 167 10.89 -8.11 17.94
N GLU B 168 11.42 -8.90 17.01
CA GLU B 168 11.81 -8.39 15.71
C GLU B 168 10.66 -8.50 14.70
N ASN B 169 9.47 -8.84 15.19
CA ASN B 169 8.31 -8.97 14.32
C ASN B 169 7.22 -7.92 14.60
N ILE B 170 7.35 -6.75 13.96
CA ILE B 170 6.43 -5.65 14.22
C ILE B 170 5.10 -5.80 13.49
N SER B 171 5.12 -5.90 12.16
CA SER B 171 3.89 -6.14 11.41
C SER B 171 2.91 -5.00 11.14
N ARG B 172 3.16 -3.82 11.72
CA ARG B 172 2.45 -2.61 11.32
C ARG B 172 2.86 -1.51 12.29
N PHE B 173 2.61 -0.27 11.86
CA PHE B 173 2.91 0.92 12.64
C PHE B 173 1.77 1.85 12.27
N VAL B 174 0.92 2.18 13.22
CA VAL B 174 -0.23 3.02 12.92
C VAL B 174 -0.02 4.46 13.38
N HIS B 175 -0.46 5.39 12.53
CA HIS B 175 -0.25 6.82 12.72
C HIS B 175 -1.36 7.57 11.97
N VAL B 176 -1.49 8.87 12.20
CA VAL B 176 -2.47 9.65 11.45
C VAL B 176 -2.13 9.70 9.97
N SER B 177 -0.83 9.80 9.67
CA SER B 177 -0.39 9.84 8.28
C SER B 177 -0.87 8.59 7.53
N GLY B 178 -0.72 7.43 8.16
CA GLY B 178 -1.24 6.19 7.62
C GLY B 178 -0.61 4.95 8.25
N VAL B 179 -0.93 3.79 7.69
CA VAL B 179 -0.33 2.54 8.16
C VAL B 179 1.02 2.32 7.49
N TYR B 180 2.05 2.10 8.31
CA TYR B 180 3.41 1.95 7.81
C TYR B 180 3.94 0.52 8.03
N ARG B 181 5.22 0.31 7.72
CA ARG B 181 5.84 -1.01 7.83
C ARG B 181 7.34 -0.93 8.13
N TYR B 182 7.81 -1.69 9.11
CA TYR B 182 9.23 -1.72 9.41
C TYR B 182 10.01 -2.46 8.35
N SER B 183 10.89 -1.72 7.67
CA SER B 183 11.69 -2.22 6.58
C SER B 183 12.84 -3.09 7.00
N ASN B 184 13.37 -2.76 8.17
CA ASN B 184 14.55 -3.39 8.67
C ASN B 184 15.95 -3.76 8.21
N GLY B 185 16.68 -2.77 7.74
CA GLY B 185 16.08 -1.48 7.47
C GLY B 185 15.73 -1.05 8.95
N ARG B 186 15.54 0.25 9.14
CA ARG B 186 15.08 0.80 10.41
C ARG B 186 14.02 1.83 10.08
N LEU B 187 13.77 1.97 8.77
CA LEU B 187 12.79 2.92 8.26
C LEU B 187 11.44 2.28 8.07
N ILE B 188 10.42 3.12 7.89
CA ILE B 188 9.05 2.64 7.78
C ILE B 188 8.29 3.36 6.67
N LYS B 189 7.63 2.60 5.80
CA LYS B 189 6.67 3.18 4.88
C LYS B 189 5.79 2.14 4.17
N ASN B 190 4.63 2.60 3.74
CA ASN B 190 3.58 1.74 3.19
C ASN B 190 2.52 2.60 2.53
N ALA B 191 1.67 2.01 1.70
CA ALA B 191 0.68 2.79 0.95
C ALA B 191 -0.42 1.95 0.29
#